data_2BV3
#
_entry.id   2BV3
#
_cell.length_a   74.990
_cell.length_b   103.340
_cell.length_c   118.910
_cell.angle_alpha   90.00
_cell.angle_beta   90.00
_cell.angle_gamma   90.00
#
_symmetry.space_group_name_H-M   'P 21 21 21'
#
loop_
_entity.id
_entity.type
_entity.pdbx_description
1 polymer 'ELONGATION FACTOR G'
2 non-polymer 'PHOSPHOAMINOPHOSPHONIC ACID-GUANYLATE ESTER'
3 non-polymer 'MAGNESIUM ION'
4 water water
#
_entity_poly.entity_id   1
_entity_poly.type   'polypeptide(L)'
_entity_poly.pdbx_seq_one_letter_code
;MAVKVEYDLKRLRNIGIAAHIDAGKTTTTERILYYTGRIHKIGEVHEGAATMDFMEQERERGITITAAVTTCFWKDHRIN
IIDAPGHVDFTIEVERSMRVLDGAIVVFDSSQGVEPQSETVWRQAEKYKVPRIAFANKMDKTGADLWLVIRTMQERLGAR
PVVMQLPIGREDTFSGIIDVLRMKAYTYGNDLGTDIREIPIPEEYLDQAREYHEKLVEVAADFDENIMLKYLEGEEPTEE
ELVAAIRKGTIDLKITPVFLGSALKNKGVQLLLDAVVDYLPSPLDIPPIKGTTPEGEVVEIHPDPNGPLAALAFKIMADP
YVGRLTFIRVYSGTLTSGSYVYNTTKGRKERVARLLRMHANHREEVEELKAGDLGAVVGLKETITGDTLVGEDAPRVILE
SIEVPEPVIDVAIEPKTKADQEKLSQALARLAEESPTFSVSTHPETGSTIISGMGELSLEIIVDRLKREFKVDANVGKPQ
VAYRETITKPVDVEGKFIRQTGGRGQYGHVKIKVEPLPRGSGFEFVNAIVGGVIPKEYIPAVQKGIEEAMQSGPLIGFPV
VDIKVTLYDGSYHEVDSSEMAFKIAGSMAIKEAVQKGDPVILEPIMRVEVTTPEEYMGDVIGDLNARRGQILGMEPRGNA
QVIRAFVPLAEMFGYATDLRSKTQGRGSFVMFFDHYQEVPKQVQEKLIKGQ
;
_entity_poly.pdbx_strand_id   A
#
# COMPACT_ATOMS: atom_id res chain seq x y z
N TYR A 7 29.95 2.30 11.35
CA TYR A 7 28.90 2.99 10.52
C TYR A 7 29.44 3.85 9.35
N ASP A 8 29.02 3.49 8.13
CA ASP A 8 29.34 4.24 6.90
C ASP A 8 28.18 4.17 5.89
N LEU A 9 27.59 5.33 5.60
CA LEU A 9 26.36 5.43 4.81
C LEU A 9 26.45 4.79 3.43
N LYS A 10 27.62 4.86 2.81
CA LYS A 10 27.86 4.26 1.49
C LYS A 10 27.80 2.73 1.50
N ARG A 11 27.88 2.13 2.68
CA ARG A 11 27.89 0.67 2.78
C ARG A 11 26.56 0.05 3.15
N LEU A 12 25.52 0.86 3.16
CA LEU A 12 24.17 0.39 3.48
C LEU A 12 23.48 -0.02 2.19
N ARG A 13 22.75 -1.13 2.20
CA ARG A 13 21.92 -1.51 1.04
C ARG A 13 20.51 -1.82 1.54
N ASN A 14 19.63 -0.83 1.46
CA ASN A 14 18.27 -1.06 1.90
C ASN A 14 17.45 -1.60 0.74
N ILE A 15 17.05 -2.87 0.82
CA ILE A 15 16.44 -3.51 -0.35
C ILE A 15 15.10 -4.21 -0.07
N GLY A 16 14.32 -4.40 -1.14
CA GLY A 16 13.13 -5.28 -1.14
C GLY A 16 13.20 -6.29 -2.27
N ILE A 17 12.71 -7.51 -2.02
CA ILE A 17 12.58 -8.50 -3.07
C ILE A 17 11.15 -8.50 -3.58
N ALA A 18 10.96 -8.30 -4.88
CA ALA A 18 9.64 -8.29 -5.52
C ALA A 18 9.49 -9.40 -6.56
N ALA A 19 8.29 -9.97 -6.66
CA ALA A 19 8.02 -11.10 -7.54
C ALA A 19 6.55 -11.49 -7.59
N HIS A 20 6.20 -12.35 -8.54
CA HIS A 20 4.91 -13.05 -8.53
C HIS A 20 4.86 -13.95 -7.29
N ILE A 21 3.68 -14.47 -6.96
CA ILE A 21 3.53 -15.32 -5.76
C ILE A 21 4.16 -16.72 -5.89
N ASP A 22 4.53 -17.12 -7.10
CA ASP A 22 5.12 -18.43 -7.26
C ASP A 22 6.60 -18.37 -7.66
N ALA A 23 7.10 -17.15 -7.86
CA ALA A 23 8.40 -16.92 -8.48
C ALA A 23 9.61 -17.31 -7.60
N GLY A 24 9.50 -17.13 -6.29
CA GLY A 24 10.59 -17.58 -5.41
C GLY A 24 11.19 -16.50 -4.50
N LYS A 25 10.36 -15.53 -4.10
CA LYS A 25 10.76 -14.43 -3.22
C LYS A 25 11.28 -14.92 -1.86
N THR A 26 10.60 -15.92 -1.31
CA THR A 26 10.83 -16.41 0.04
C THR A 26 12.08 -17.26 0.09
N THR A 27 12.16 -18.23 -0.82
CA THR A 27 13.35 -19.07 -0.87
C THR A 27 14.59 -18.28 -1.28
N THR A 28 14.44 -17.25 -2.12
CA THR A 28 15.56 -16.36 -2.43
C THR A 28 15.96 -15.55 -1.19
N THR A 29 14.99 -15.20 -0.38
CA THR A 29 15.28 -14.43 0.84
C THR A 29 16.01 -15.27 1.87
N GLU A 30 15.46 -16.46 2.13
CA GLU A 30 15.98 -17.32 3.14
C GLU A 30 17.41 -17.81 2.78
N ARG A 31 17.68 -18.08 1.49
CA ARG A 31 19.04 -18.47 1.05
C ARG A 31 20.02 -17.30 1.23
N ILE A 32 19.57 -16.09 0.91
CA ILE A 32 20.31 -14.86 1.20
C ILE A 32 20.71 -14.77 2.68
N LEU A 33 19.73 -14.90 3.57
CA LEU A 33 19.97 -14.93 5.02
C LEU A 33 20.90 -16.07 5.43
N TYR A 34 20.81 -17.21 4.73
CA TYR A 34 21.76 -18.30 4.95
C TYR A 34 23.17 -17.87 4.59
N TYR A 35 23.39 -17.42 3.36
CA TYR A 35 24.76 -17.09 2.93
C TYR A 35 25.35 -15.96 3.78
N THR A 36 24.53 -14.97 4.13
CA THR A 36 24.99 -13.78 4.87
C THR A 36 25.28 -14.09 6.34
N GLY A 37 24.78 -15.20 6.85
CA GLY A 37 24.94 -15.46 8.26
C GLY A 37 25.87 -16.59 8.63
N ARG A 38 26.62 -17.10 7.65
CA ARG A 38 27.52 -18.22 7.90
C ARG A 38 28.65 -17.78 8.82
N ILE A 39 29.18 -16.59 8.56
CA ILE A 39 30.29 -16.01 9.33
C ILE A 39 29.88 -15.61 10.76
N HIS A 40 30.66 -16.08 11.73
CA HIS A 40 30.42 -15.89 13.17
C HIS A 40 29.24 -16.72 13.71
N LYS A 41 28.05 -16.51 13.14
CA LYS A 41 26.85 -17.28 13.52
C LYS A 41 26.78 -18.58 12.73
N ARG A 61 10.79 -22.16 16.86
CA ARG A 61 11.91 -22.42 15.97
C ARG A 61 11.49 -22.45 14.49
N GLY A 62 10.49 -23.28 14.18
CA GLY A 62 9.94 -23.38 12.82
C GLY A 62 9.04 -22.20 12.50
N ILE A 63 9.55 -21.27 11.70
CA ILE A 63 8.86 -20.01 11.43
C ILE A 63 8.96 -19.56 9.97
N THR A 64 7.97 -18.77 9.53
CA THR A 64 8.09 -17.95 8.33
C THR A 64 8.57 -16.57 8.80
N ILE A 65 9.81 -16.23 8.42
CA ILE A 65 10.52 -15.02 8.90
C ILE A 65 9.62 -13.79 9.13
N THR A 66 9.28 -13.57 10.40
CA THR A 66 8.45 -12.44 10.78
C THR A 66 9.31 -11.30 11.37
N ALA A 67 9.74 -10.39 10.51
CA ALA A 67 10.53 -9.22 10.92
C ALA A 67 10.57 -8.18 9.81
N ALA A 68 9.83 -7.09 10.01
CA ALA A 68 9.63 -6.03 9.02
C ALA A 68 10.93 -5.59 8.34
N VAL A 69 11.99 -5.52 9.12
CA VAL A 69 13.31 -5.30 8.56
C VAL A 69 14.28 -6.25 9.23
N THR A 70 15.02 -6.99 8.40
CA THR A 70 16.00 -7.93 8.89
C THR A 70 17.37 -7.51 8.41
N THR A 71 18.33 -7.51 9.31
CA THR A 71 19.63 -7.00 8.96
C THR A 71 20.56 -8.17 8.75
N CYS A 72 21.49 -8.00 7.80
CA CYS A 72 22.59 -8.96 7.61
C CYS A 72 23.82 -8.31 7.00
N PHE A 73 24.89 -9.08 6.86
CA PHE A 73 26.15 -8.54 6.35
C PHE A 73 26.65 -9.28 5.13
N TRP A 74 27.13 -8.53 4.14
CA TRP A 74 27.75 -9.14 2.99
C TRP A 74 28.90 -8.30 2.51
N LYS A 75 30.11 -8.85 2.60
CA LYS A 75 31.30 -8.16 2.11
C LYS A 75 31.35 -6.73 2.58
N ASP A 76 31.29 -6.59 3.90
CA ASP A 76 31.47 -5.30 4.58
C ASP A 76 30.41 -4.27 4.29
N HIS A 77 29.22 -4.74 3.89
CA HIS A 77 28.08 -3.88 3.69
C HIS A 77 26.97 -4.42 4.58
N ARG A 78 26.13 -3.54 5.09
CA ARG A 78 24.94 -3.98 5.81
C ARG A 78 23.83 -4.04 4.78
N ILE A 79 23.16 -5.18 4.67
CA ILE A 79 21.97 -5.27 3.86
C ILE A 79 20.79 -5.35 4.81
N ASN A 80 19.85 -4.44 4.65
CA ASN A 80 18.61 -4.44 5.42
C ASN A 80 17.53 -4.89 4.45
N ILE A 81 16.95 -6.07 4.71
CA ILE A 81 15.88 -6.59 3.87
C ILE A 81 14.58 -6.13 4.47
N ILE A 82 13.84 -5.32 3.71
CA ILE A 82 12.54 -4.79 4.11
C ILE A 82 11.48 -5.74 3.57
N ASP A 83 10.71 -6.36 4.46
CA ASP A 83 9.71 -7.31 4.00
C ASP A 83 8.39 -6.60 3.72
N ALA A 84 7.70 -7.06 2.68
CA ALA A 84 6.37 -6.54 2.35
C ALA A 84 5.33 -7.67 2.31
N PRO A 85 4.91 -8.17 3.50
CA PRO A 85 3.89 -9.23 3.52
C PRO A 85 2.50 -8.70 3.18
N GLY A 86 1.97 -7.77 3.99
CA GLY A 86 0.61 -7.22 3.83
C GLY A 86 -0.41 -8.31 3.52
N HIS A 87 -0.70 -8.47 2.22
CA HIS A 87 -1.36 -9.64 1.64
C HIS A 87 -1.37 -9.57 0.12
N VAL A 88 -2.49 -9.12 -0.41
CA VAL A 88 -2.74 -9.19 -1.87
C VAL A 88 -1.85 -8.24 -2.66
N ASP A 89 -1.03 -7.46 -1.89
CA ASP A 89 -0.03 -6.51 -2.42
C ASP A 89 -0.49 -5.57 -3.54
N PHE A 90 -1.80 -5.50 -3.76
CA PHE A 90 -2.40 -4.50 -4.65
C PHE A 90 -2.77 -3.24 -3.88
N THR A 91 -2.72 -3.33 -2.55
CA THR A 91 -3.11 -2.24 -1.63
C THR A 91 -2.26 -0.99 -1.78
N ILE A 92 -2.79 0.16 -1.34
CA ILE A 92 -2.03 1.41 -1.32
C ILE A 92 -1.05 1.45 -0.14
N GLU A 93 -1.18 0.48 0.77
CA GLU A 93 -0.27 0.24 1.87
C GLU A 93 1.18 -0.03 1.38
N VAL A 94 1.30 -0.51 0.15
CA VAL A 94 2.59 -0.88 -0.46
C VAL A 94 3.56 0.30 -0.64
N GLU A 95 3.03 1.48 -0.96
CA GLU A 95 3.85 2.68 -1.22
C GLU A 95 4.70 3.12 -0.02
N ARG A 96 4.24 2.77 1.19
CA ARG A 96 5.02 2.96 2.42
C ARG A 96 6.21 2.00 2.42
N SER A 97 5.94 0.72 2.17
CA SER A 97 7.01 -0.27 1.99
C SER A 97 8.01 0.17 0.93
N MET A 98 7.52 0.70 -0.18
CA MET A 98 8.39 1.11 -1.28
C MET A 98 9.17 2.40 -0.96
N ARG A 99 8.65 3.23 -0.07
CA ARG A 99 9.34 4.48 0.26
C ARG A 99 10.38 4.28 1.34
N VAL A 100 10.19 3.21 2.11
CA VAL A 100 11.11 2.84 3.19
C VAL A 100 12.36 2.10 2.68
N LEU A 101 12.25 1.42 1.55
CA LEU A 101 13.41 0.75 0.92
C LEU A 101 14.01 1.61 -0.19
N ASP A 102 15.23 1.28 -0.58
CA ASP A 102 15.96 2.05 -1.60
C ASP A 102 16.04 1.36 -2.98
N GLY A 103 16.24 0.03 -2.99
CA GLY A 103 16.34 -0.74 -4.22
C GLY A 103 15.56 -2.07 -4.21
N ALA A 104 15.45 -2.69 -5.37
CA ALA A 104 14.72 -3.93 -5.50
C ALA A 104 15.44 -4.95 -6.36
N ILE A 105 15.23 -6.21 -6.00
CA ILE A 105 15.55 -7.34 -6.86
C ILE A 105 14.21 -7.81 -7.38
N VAL A 106 14.05 -7.85 -8.69
CA VAL A 106 12.81 -8.34 -9.29
C VAL A 106 13.04 -9.77 -9.75
N VAL A 107 12.24 -10.69 -9.22
CA VAL A 107 12.44 -12.13 -9.44
C VAL A 107 11.47 -12.66 -10.49
N PHE A 108 12.01 -13.12 -11.62
CA PHE A 108 11.21 -13.77 -12.66
C PHE A 108 11.33 -15.29 -12.58
N ASP A 109 10.27 -15.98 -12.95
CA ASP A 109 10.28 -17.42 -13.10
C ASP A 109 10.67 -17.64 -14.55
N SER A 110 11.77 -18.36 -14.76
CA SER A 110 12.43 -18.51 -16.05
C SER A 110 11.65 -19.24 -17.14
N SER A 111 10.78 -20.16 -16.76
CA SER A 111 9.93 -20.83 -17.75
C SER A 111 8.93 -19.89 -18.46
N GLN A 112 8.53 -18.80 -17.80
CA GLN A 112 7.34 -18.03 -18.23
C GLN A 112 7.61 -16.66 -18.86
N GLY A 113 8.82 -16.14 -18.67
CA GLY A 113 9.11 -14.75 -19.03
C GLY A 113 8.54 -13.86 -17.95
N VAL A 114 8.34 -12.58 -18.26
CA VAL A 114 7.66 -11.69 -17.32
C VAL A 114 6.20 -12.11 -17.28
N GLU A 115 5.70 -12.29 -16.07
CA GLU A 115 4.36 -12.81 -15.87
C GLU A 115 3.37 -11.67 -15.64
N PRO A 116 2.09 -11.89 -15.98
CA PRO A 116 1.01 -10.94 -15.76
C PRO A 116 1.19 -10.08 -14.51
N GLN A 117 1.37 -10.71 -13.35
CA GLN A 117 1.54 -9.93 -12.13
C GLN A 117 2.94 -9.33 -12.02
N SER A 118 3.96 -10.08 -12.44
CA SER A 118 5.34 -9.55 -12.56
C SER A 118 5.30 -8.26 -13.37
N GLU A 119 4.43 -8.23 -14.38
CA GLU A 119 4.20 -7.04 -15.16
C GLU A 119 3.65 -5.90 -14.30
N THR A 120 2.73 -6.23 -13.38
CA THR A 120 2.21 -5.23 -12.42
C THR A 120 3.25 -4.89 -11.34
N VAL A 121 3.92 -5.92 -10.83
CA VAL A 121 5.01 -5.76 -9.84
C VAL A 121 6.09 -4.85 -10.40
N TRP A 122 6.49 -5.11 -11.66
CA TRP A 122 7.38 -4.22 -12.39
C TRP A 122 6.80 -2.82 -12.40
N ARG A 123 5.55 -2.72 -12.87
CA ARG A 123 4.85 -1.45 -13.08
C ARG A 123 4.79 -0.58 -11.81
N GLN A 124 4.83 -1.24 -10.65
CA GLN A 124 4.91 -0.53 -9.37
C GLN A 124 6.27 0.13 -9.12
N ALA A 125 7.35 -0.58 -9.50
CA ALA A 125 8.71 -0.12 -9.22
C ALA A 125 9.14 1.19 -9.91
N GLU A 126 8.80 1.35 -11.19
CA GLU A 126 9.07 2.64 -11.85
C GLU A 126 8.02 3.66 -11.49
N LYS A 127 6.86 3.19 -11.05
CA LYS A 127 5.86 4.08 -10.46
C LYS A 127 6.42 4.77 -9.19
N TYR A 128 7.55 4.28 -8.68
CA TYR A 128 8.18 4.85 -7.47
C TYR A 128 9.66 5.26 -7.58
N LYS A 129 10.18 5.34 -8.82
CA LYS A 129 11.59 5.70 -9.10
C LYS A 129 12.64 4.83 -8.41
N VAL A 130 12.32 3.56 -8.19
CA VAL A 130 13.24 2.66 -7.47
C VAL A 130 14.09 1.78 -8.39
N PRO A 131 15.42 1.97 -8.35
CA PRO A 131 16.38 1.16 -9.10
C PRO A 131 16.20 -0.31 -8.82
N ARG A 132 16.33 -1.13 -9.87
CA ARG A 132 16.10 -2.57 -9.77
C ARG A 132 17.11 -3.36 -10.58
N ILE A 133 17.41 -4.57 -10.11
CA ILE A 133 18.09 -5.56 -10.91
C ILE A 133 17.11 -6.72 -11.05
N ALA A 134 17.28 -7.57 -12.07
CA ALA A 134 16.43 -8.75 -12.22
C ALA A 134 17.17 -10.02 -11.85
N PHE A 135 16.40 -11.01 -11.40
CA PHE A 135 16.93 -12.34 -11.11
C PHE A 135 16.05 -13.39 -11.83
N ALA A 136 16.61 -13.98 -12.88
CA ALA A 136 15.89 -15.01 -13.63
C ALA A 136 16.01 -16.33 -12.89
N ASN A 137 14.99 -16.62 -12.09
CA ASN A 137 15.02 -17.74 -11.15
C ASN A 137 14.50 -19.05 -11.81
N LYS A 138 14.67 -20.17 -11.11
CA LYS A 138 14.21 -21.51 -11.56
C LYS A 138 14.87 -21.98 -12.86
N MET A 139 16.14 -21.61 -13.04
CA MET A 139 16.83 -22.04 -14.26
C MET A 139 17.01 -23.56 -14.38
N ASP A 140 16.72 -24.28 -13.29
CA ASP A 140 16.81 -25.76 -13.25
C ASP A 140 15.56 -26.46 -13.77
N LYS A 141 14.44 -25.72 -13.81
CA LYS A 141 13.11 -26.25 -14.09
C LYS A 141 12.91 -26.42 -15.58
N THR A 142 12.21 -27.47 -15.97
CA THR A 142 11.89 -27.71 -17.37
C THR A 142 11.21 -26.48 -18.00
N GLY A 143 11.71 -26.04 -19.15
CA GLY A 143 11.17 -24.86 -19.80
C GLY A 143 12.01 -23.63 -19.58
N ALA A 144 12.80 -23.62 -18.50
CA ALA A 144 13.65 -22.47 -18.19
C ALA A 144 14.42 -21.95 -19.40
N ASP A 145 14.23 -20.67 -19.71
CA ASP A 145 14.88 -20.02 -20.85
C ASP A 145 15.18 -18.56 -20.55
N LEU A 146 16.46 -18.22 -20.50
CA LEU A 146 16.88 -16.84 -20.21
C LEU A 146 16.33 -15.88 -21.27
N TRP A 147 16.31 -16.34 -22.52
CA TRP A 147 16.03 -15.48 -23.66
C TRP A 147 14.58 -15.07 -23.70
N LEU A 148 13.71 -15.97 -23.23
CA LEU A 148 12.31 -15.67 -23.14
C LEU A 148 12.08 -14.56 -22.09
N VAL A 149 12.89 -14.57 -21.02
CA VAL A 149 12.88 -13.49 -20.01
C VAL A 149 13.33 -12.16 -20.62
N ILE A 150 14.49 -12.17 -21.30
CA ILE A 150 15.00 -10.95 -21.95
C ILE A 150 14.01 -10.34 -22.96
N ARG A 151 13.48 -11.16 -23.85
CA ARG A 151 12.68 -10.65 -24.95
C ARG A 151 11.37 -10.04 -24.46
N THR A 152 10.79 -10.68 -23.46
CA THR A 152 9.53 -10.21 -22.88
C THR A 152 9.69 -8.96 -22.02
N MET A 153 10.86 -8.74 -21.46
CA MET A 153 11.17 -7.54 -20.70
C MET A 153 11.28 -6.40 -21.68
N GLN A 154 11.87 -6.68 -22.85
CA GLN A 154 11.91 -5.71 -23.94
C GLN A 154 10.50 -5.38 -24.45
N GLU A 155 9.74 -6.42 -24.80
CA GLU A 155 8.47 -6.27 -25.49
C GLU A 155 7.36 -5.74 -24.58
N ARG A 156 7.15 -6.39 -23.43
CA ARG A 156 6.03 -6.10 -22.56
C ARG A 156 6.26 -4.95 -21.58
N LEU A 157 7.48 -4.86 -21.04
CA LEU A 157 7.81 -3.84 -20.04
C LEU A 157 8.58 -2.67 -20.63
N GLY A 158 9.06 -2.81 -21.88
CA GLY A 158 9.95 -1.82 -22.49
C GLY A 158 11.15 -1.52 -21.61
N ALA A 159 11.81 -2.57 -21.14
CA ALA A 159 12.74 -2.47 -20.02
C ALA A 159 14.19 -2.08 -20.32
N ARG A 160 14.66 -2.34 -21.55
CA ARG A 160 16.13 -2.39 -21.84
C ARG A 160 17.00 -3.24 -20.88
N PRO A 161 16.85 -4.58 -20.94
CA PRO A 161 17.65 -5.49 -20.14
C PRO A 161 19.10 -5.58 -20.61
N VAL A 162 20.05 -5.73 -19.68
CA VAL A 162 21.42 -6.01 -20.05
C VAL A 162 21.77 -7.42 -19.63
N VAL A 163 22.20 -8.24 -20.58
CA VAL A 163 22.61 -9.60 -20.27
C VAL A 163 23.96 -9.61 -19.51
N MET A 164 23.90 -9.87 -18.20
CA MET A 164 25.07 -9.83 -17.33
C MET A 164 25.70 -11.22 -17.11
N GLN A 165 24.94 -12.26 -17.45
CA GLN A 165 25.27 -13.65 -17.16
C GLN A 165 24.67 -14.53 -18.24
N LEU A 166 25.27 -15.70 -18.45
CA LEU A 166 24.81 -16.70 -19.39
C LEU A 166 24.79 -18.06 -18.68
N PRO A 167 23.76 -18.87 -18.95
CA PRO A 167 23.73 -20.16 -18.28
C PRO A 167 24.63 -21.22 -18.94
N ILE A 168 25.20 -22.07 -18.12
CA ILE A 168 25.90 -23.26 -18.60
C ILE A 168 24.93 -24.40 -18.39
N GLY A 169 24.66 -25.16 -19.44
CA GLY A 169 23.68 -26.23 -19.38
C GLY A 169 22.26 -25.70 -19.47
N ARG A 170 21.30 -26.61 -19.35
CA ARG A 170 19.88 -26.28 -19.53
C ARG A 170 18.98 -27.17 -18.66
N GLU A 171 17.96 -26.56 -18.07
CA GLU A 171 17.01 -27.31 -17.24
C GLU A 171 17.74 -28.24 -16.29
N ASP A 172 17.34 -29.51 -16.24
CA ASP A 172 17.99 -30.51 -15.39
C ASP A 172 19.53 -30.53 -15.47
N THR A 173 20.11 -30.05 -16.57
CA THR A 173 21.58 -30.00 -16.70
C THR A 173 22.18 -28.64 -16.34
N PHE A 174 21.36 -27.70 -15.88
CA PHE A 174 21.84 -26.37 -15.49
C PHE A 174 22.84 -26.53 -14.35
N SER A 175 24.10 -26.20 -14.61
CA SER A 175 25.13 -26.50 -13.63
C SER A 175 26.12 -25.37 -13.33
N GLY A 176 26.05 -24.27 -14.07
CA GLY A 176 27.06 -23.23 -13.96
C GLY A 176 26.61 -21.91 -14.53
N ILE A 177 27.37 -20.85 -14.27
CA ILE A 177 26.97 -19.52 -14.68
C ILE A 177 28.18 -18.76 -15.19
N ILE A 178 28.01 -18.07 -16.32
CA ILE A 178 29.02 -17.21 -16.89
C ILE A 178 28.76 -15.74 -16.56
N ASP A 179 29.73 -15.10 -15.90
CA ASP A 179 29.72 -13.65 -15.64
C ASP A 179 30.36 -12.98 -16.87
N VAL A 180 29.56 -12.30 -17.70
CA VAL A 180 30.10 -11.80 -18.99
C VAL A 180 30.77 -10.44 -18.92
N LEU A 181 30.68 -9.81 -17.75
CA LEU A 181 31.40 -8.56 -17.44
C LEU A 181 32.89 -8.87 -17.22
N ARG A 182 33.17 -9.87 -16.36
CA ARG A 182 34.52 -10.28 -15.98
C ARG A 182 34.97 -11.52 -16.76
N MET A 183 34.10 -12.04 -17.63
CA MET A 183 34.42 -13.22 -18.43
C MET A 183 34.95 -14.34 -17.54
N LYS A 184 34.17 -14.68 -16.52
CA LYS A 184 34.50 -15.78 -15.62
C LYS A 184 33.32 -16.73 -15.55
N ALA A 185 33.58 -17.98 -15.21
CA ALA A 185 32.47 -18.89 -15.05
C ALA A 185 32.46 -19.53 -13.66
N TYR A 186 31.32 -20.08 -13.25
CA TYR A 186 31.20 -20.78 -11.96
C TYR A 186 30.43 -22.05 -12.17
N THR A 187 30.85 -23.09 -11.48
CA THR A 187 30.19 -24.39 -11.55
C THR A 187 29.84 -24.88 -10.15
N TYR A 188 28.68 -25.52 -10.02
CA TYR A 188 28.16 -25.90 -8.71
C TYR A 188 28.14 -27.41 -8.59
N GLY A 189 28.79 -27.93 -7.55
CA GLY A 189 29.03 -29.36 -7.38
C GLY A 189 27.83 -30.11 -6.88
N ASN A 190 27.04 -29.46 -6.03
CA ASN A 190 25.82 -30.03 -5.46
C ASN A 190 24.73 -28.96 -5.48
N ASP A 191 23.60 -29.25 -4.84
CA ASP A 191 22.47 -28.31 -4.76
C ASP A 191 22.34 -27.74 -3.34
N LEU A 192 23.43 -27.75 -2.60
CA LEU A 192 23.36 -27.50 -1.17
C LEU A 192 24.01 -26.19 -0.78
N GLY A 193 24.71 -25.58 -1.73
CA GLY A 193 25.39 -24.30 -1.48
C GLY A 193 26.69 -24.53 -0.71
N THR A 194 27.22 -25.74 -0.85
CA THR A 194 28.42 -26.08 -0.11
C THR A 194 29.61 -26.40 -1.03
N ASP A 195 29.50 -26.10 -2.32
CA ASP A 195 30.57 -26.38 -3.30
C ASP A 195 30.52 -25.46 -4.54
N ILE A 196 31.21 -24.34 -4.47
CA ILE A 196 31.25 -23.42 -5.60
C ILE A 196 32.71 -23.33 -6.09
N ARG A 197 32.92 -23.35 -7.41
CA ARG A 197 34.26 -23.29 -7.98
C ARG A 197 34.25 -22.41 -9.20
N GLU A 198 35.14 -21.44 -9.22
CA GLU A 198 35.40 -20.70 -10.45
C GLU A 198 36.01 -21.62 -11.52
N ILE A 199 35.51 -21.50 -12.76
CA ILE A 199 36.07 -22.29 -13.88
C ILE A 199 36.24 -21.46 -15.14
N PRO A 200 37.07 -21.92 -16.10
CA PRO A 200 37.17 -21.22 -17.38
C PRO A 200 35.88 -21.36 -18.16
N ILE A 201 35.54 -20.35 -18.96
CA ILE A 201 34.37 -20.44 -19.83
C ILE A 201 34.51 -21.64 -20.78
N PRO A 202 33.63 -22.64 -20.68
CA PRO A 202 33.89 -23.80 -21.52
C PRO A 202 33.87 -23.40 -23.01
N GLU A 203 34.65 -24.10 -23.82
CA GLU A 203 34.94 -23.70 -25.21
C GLU A 203 33.68 -23.45 -26.08
N GLU A 204 32.67 -24.27 -25.91
CA GLU A 204 31.47 -24.10 -26.74
C GLU A 204 30.59 -22.93 -26.35
N TYR A 205 30.97 -22.19 -25.31
CA TYR A 205 30.22 -20.99 -24.89
C TYR A 205 31.05 -19.74 -25.11
N LEU A 206 32.24 -19.93 -25.65
CA LEU A 206 33.17 -18.83 -25.76
C LEU A 206 32.67 -17.79 -26.77
N ASP A 207 32.11 -18.25 -27.89
CA ASP A 207 31.72 -17.32 -28.96
C ASP A 207 30.58 -16.46 -28.45
N GLN A 208 29.61 -17.11 -27.81
CA GLN A 208 28.45 -16.44 -27.25
C GLN A 208 28.87 -15.48 -26.13
N ALA A 209 29.84 -15.90 -25.31
CA ALA A 209 30.29 -15.09 -24.20
C ALA A 209 30.98 -13.85 -24.74
N ARG A 210 31.82 -14.04 -25.76
CA ARG A 210 32.53 -12.92 -26.39
C ARG A 210 31.53 -11.91 -26.97
N GLU A 211 30.54 -12.43 -27.67
CA GLU A 211 29.51 -11.63 -28.31
C GLU A 211 28.71 -10.82 -27.28
N TYR A 212 28.33 -11.45 -26.17
CA TYR A 212 27.55 -10.75 -25.14
C TYR A 212 28.37 -9.81 -24.26
N HIS A 213 29.66 -10.13 -24.08
CA HIS A 213 30.57 -9.15 -23.51
C HIS A 213 30.62 -7.84 -24.34
N GLU A 214 30.72 -7.94 -25.67
CA GLU A 214 30.77 -6.77 -26.54
C GLU A 214 29.47 -5.98 -26.44
N LYS A 215 28.35 -6.69 -26.37
CA LYS A 215 27.05 -6.03 -26.16
C LYS A 215 27.02 -5.23 -24.85
N LEU A 216 27.49 -5.85 -23.76
CA LEU A 216 27.55 -5.17 -22.46
C LEU A 216 28.50 -3.95 -22.47
N VAL A 217 29.66 -4.08 -23.13
CA VAL A 217 30.54 -2.92 -23.30
C VAL A 217 29.81 -1.81 -24.06
N GLU A 218 29.09 -2.21 -25.10
CA GLU A 218 28.29 -1.28 -25.90
C GLU A 218 27.22 -0.54 -25.08
N VAL A 219 26.57 -1.26 -24.15
CA VAL A 219 25.64 -0.61 -23.21
C VAL A 219 26.38 0.39 -22.31
N ALA A 220 27.49 -0.06 -21.74
CA ALA A 220 28.26 0.73 -20.79
C ALA A 220 28.79 2.02 -21.45
N ALA A 221 29.17 1.90 -22.71
CA ALA A 221 29.61 3.04 -23.53
C ALA A 221 28.60 4.17 -23.66
N ASP A 222 27.32 3.85 -23.52
CA ASP A 222 26.26 4.86 -23.50
C ASP A 222 26.25 5.69 -22.22
N PHE A 223 26.91 5.19 -21.17
CA PHE A 223 26.91 5.90 -19.89
C PHE A 223 28.26 6.47 -19.52
N ASP A 224 29.27 6.16 -20.34
CA ASP A 224 30.60 6.67 -20.13
C ASP A 224 31.26 6.97 -21.47
N GLU A 225 31.52 8.25 -21.74
CA GLU A 225 32.18 8.67 -22.97
C GLU A 225 33.46 7.88 -23.18
N ASN A 226 34.27 7.81 -22.13
CA ASN A 226 35.55 7.13 -22.16
C ASN A 226 35.46 5.69 -22.65
N ILE A 227 34.39 5.00 -22.26
CA ILE A 227 34.20 3.61 -22.66
C ILE A 227 33.86 3.48 -24.15
N MET A 228 33.02 4.38 -24.66
CA MET A 228 32.67 4.43 -26.10
C MET A 228 33.90 4.53 -27.00
N LEU A 229 34.87 5.33 -26.55
CA LEU A 229 36.08 5.56 -27.30
C LEU A 229 36.87 4.26 -27.38
N LYS A 230 37.13 3.64 -26.24
CA LYS A 230 37.84 2.36 -26.21
C LYS A 230 37.13 1.31 -27.07
N TYR A 231 35.81 1.27 -26.97
CA TYR A 231 34.99 0.38 -27.79
C TYR A 231 35.30 0.53 -29.29
N LEU A 232 35.35 1.79 -29.74
CA LEU A 232 35.65 2.15 -31.13
C LEU A 232 37.06 1.74 -31.52
N GLU A 233 37.99 1.87 -30.59
CA GLU A 233 39.39 1.54 -30.85
C GLU A 233 39.69 0.06 -30.63
N GLY A 234 38.75 -0.67 -30.01
CA GLY A 234 38.95 -2.08 -29.73
C GLY A 234 39.73 -2.38 -28.45
N GLU A 235 39.83 -1.38 -27.58
CA GLU A 235 40.45 -1.54 -26.26
C GLU A 235 39.44 -2.02 -25.22
N GLU A 236 39.89 -2.93 -24.37
CA GLU A 236 39.08 -3.48 -23.29
C GLU A 236 39.03 -2.48 -22.11
N PRO A 237 37.82 -2.13 -21.66
CA PRO A 237 37.72 -1.26 -20.46
C PRO A 237 38.03 -2.04 -19.19
N THR A 238 38.19 -1.35 -18.06
CA THR A 238 38.49 -2.01 -16.78
C THR A 238 37.23 -2.40 -16.05
N GLU A 239 37.31 -3.51 -15.31
CA GLU A 239 36.21 -3.99 -14.47
C GLU A 239 35.53 -2.84 -13.71
N GLU A 240 36.35 -1.96 -13.15
CA GLU A 240 35.87 -0.90 -12.29
C GLU A 240 34.97 0.03 -13.09
N GLU A 241 35.46 0.46 -14.26
CA GLU A 241 34.74 1.39 -15.16
C GLU A 241 33.37 0.85 -15.59
N LEU A 242 33.38 -0.43 -16.03
CA LEU A 242 32.20 -1.12 -16.52
C LEU A 242 31.16 -1.25 -15.42
N VAL A 243 31.56 -1.77 -14.25
CA VAL A 243 30.68 -1.79 -13.09
C VAL A 243 30.13 -0.39 -12.78
N ALA A 244 30.98 0.63 -12.82
CA ALA A 244 30.51 1.99 -12.53
C ALA A 244 29.44 2.42 -13.53
N ALA A 245 29.69 2.18 -14.81
CA ALA A 245 28.79 2.64 -15.90
C ALA A 245 27.44 1.92 -15.88
N ILE A 246 27.47 0.61 -15.62
CA ILE A 246 26.24 -0.14 -15.46
C ILE A 246 25.51 0.33 -14.20
N ARG A 247 26.26 0.64 -13.13
CA ARG A 247 25.67 1.13 -11.87
C ARG A 247 24.93 2.44 -12.09
N LYS A 248 25.60 3.39 -12.75
CA LYS A 248 25.03 4.67 -13.18
C LYS A 248 23.69 4.50 -13.90
N GLY A 249 23.67 3.68 -14.96
CA GLY A 249 22.46 3.41 -15.75
C GLY A 249 21.32 2.75 -14.97
N THR A 250 21.68 1.81 -14.09
CA THR A 250 20.73 1.14 -13.20
C THR A 250 20.07 2.13 -12.25
N ILE A 251 20.89 2.95 -11.59
CA ILE A 251 20.41 3.95 -10.64
C ILE A 251 19.62 5.03 -11.37
N ASP A 252 20.07 5.39 -12.57
CA ASP A 252 19.37 6.33 -13.45
C ASP A 252 18.10 5.74 -14.08
N LEU A 253 17.78 4.48 -13.75
CA LEU A 253 16.55 3.82 -14.22
C LEU A 253 16.48 3.52 -15.72
N LYS A 254 17.64 3.51 -16.40
CA LYS A 254 17.67 3.36 -17.86
C LYS A 254 17.87 1.93 -18.33
N ILE A 255 18.65 1.16 -17.59
CA ILE A 255 18.87 -0.25 -17.88
C ILE A 255 18.48 -1.14 -16.68
N THR A 256 18.45 -2.46 -16.89
CA THR A 256 18.19 -3.45 -15.85
C THR A 256 19.12 -4.64 -16.00
N PRO A 257 20.20 -4.71 -15.20
CA PRO A 257 21.05 -5.87 -15.34
C PRO A 257 20.27 -7.12 -14.96
N VAL A 258 20.36 -8.13 -15.81
CA VAL A 258 19.72 -9.42 -15.55
C VAL A 258 20.75 -10.44 -15.04
N PHE A 259 20.44 -11.04 -13.91
CA PHE A 259 21.23 -12.13 -13.32
C PHE A 259 20.35 -13.35 -13.34
N LEU A 260 20.91 -14.53 -13.21
CA LEU A 260 20.09 -15.75 -13.22
C LEU A 260 20.53 -16.77 -12.19
N GLY A 261 19.71 -17.78 -11.96
CA GLY A 261 20.11 -18.83 -11.06
C GLY A 261 18.99 -19.73 -10.61
N SER A 262 19.26 -20.52 -9.59
CA SER A 262 18.27 -21.37 -8.98
C SER A 262 18.43 -21.28 -7.48
N ALA A 263 17.57 -20.49 -6.83
CA ALA A 263 17.59 -20.34 -5.38
C ALA A 263 17.41 -21.69 -4.69
N LEU A 264 16.51 -22.52 -5.22
CA LEU A 264 16.21 -23.82 -4.62
C LEU A 264 17.41 -24.76 -4.67
N LYS A 265 18.13 -24.75 -5.80
CA LYS A 265 19.27 -25.63 -5.96
C LYS A 265 20.58 -24.90 -5.67
N ASN A 266 20.46 -23.79 -4.97
CA ASN A 266 21.60 -23.06 -4.44
C ASN A 266 22.68 -22.80 -5.47
N LYS A 267 22.32 -22.02 -6.49
CA LYS A 267 23.22 -21.63 -7.59
C LYS A 267 22.84 -20.22 -7.98
N GLY A 268 23.84 -19.34 -7.97
CA GLY A 268 23.60 -17.96 -8.38
C GLY A 268 23.34 -16.98 -7.27
N VAL A 269 23.17 -17.47 -6.04
CA VAL A 269 22.73 -16.58 -4.95
C VAL A 269 23.79 -15.60 -4.43
N GLN A 270 25.01 -16.09 -4.23
CA GLN A 270 26.13 -15.24 -3.83
C GLN A 270 26.44 -14.21 -4.93
N LEU A 271 26.38 -14.61 -6.20
CA LEU A 271 26.59 -13.67 -7.32
C LEU A 271 25.49 -12.63 -7.36
N LEU A 272 24.29 -13.03 -6.96
CA LEU A 272 23.23 -12.07 -6.76
C LEU A 272 23.58 -11.09 -5.64
N LEU A 273 24.11 -11.59 -4.52
CA LEU A 273 24.43 -10.72 -3.40
C LEU A 273 25.52 -9.73 -3.82
N ASP A 274 26.53 -10.22 -4.55
CA ASP A 274 27.54 -9.35 -5.15
C ASP A 274 26.86 -8.23 -5.98
N ALA A 275 25.81 -8.59 -6.72
CA ALA A 275 25.15 -7.60 -7.59
C ALA A 275 24.41 -6.56 -6.78
N VAL A 276 23.82 -6.98 -5.64
CA VAL A 276 23.22 -6.05 -4.68
C VAL A 276 24.25 -4.97 -4.26
N VAL A 277 25.47 -5.41 -3.92
CA VAL A 277 26.52 -4.46 -3.56
C VAL A 277 26.94 -3.62 -4.76
N ASP A 278 27.15 -4.28 -5.91
CA ASP A 278 27.66 -3.63 -7.13
C ASP A 278 26.72 -2.57 -7.70
N TYR A 279 25.47 -2.94 -7.91
CA TYR A 279 24.61 -2.14 -8.74
C TYR A 279 23.47 -1.45 -8.01
N LEU A 280 23.07 -1.94 -6.84
CA LEU A 280 21.96 -1.34 -6.12
C LEU A 280 22.37 -0.13 -5.27
N PRO A 281 21.45 0.83 -5.07
CA PRO A 281 21.84 2.09 -4.45
C PRO A 281 21.95 2.10 -2.91
N SER A 282 22.87 2.90 -2.39
CA SER A 282 22.87 3.29 -1.00
C SER A 282 21.84 4.44 -0.81
N PRO A 283 21.64 4.93 0.43
CA PRO A 283 20.76 6.06 0.73
C PRO A 283 21.23 7.40 0.15
N LEU A 284 22.48 7.48 -0.29
CA LEU A 284 23.00 8.69 -0.91
C LEU A 284 22.71 8.69 -2.41
N ASP A 285 22.36 7.54 -2.97
CA ASP A 285 22.20 7.41 -4.42
C ASP A 285 20.79 7.75 -4.88
N ILE A 286 19.86 7.83 -3.94
CA ILE A 286 18.47 8.09 -4.29
C ILE A 286 18.07 9.47 -3.81
N PRO A 287 17.26 10.19 -4.60
CA PRO A 287 16.83 11.52 -4.18
C PRO A 287 16.19 11.48 -2.79
N PRO A 288 16.42 12.51 -1.96
CA PRO A 288 15.98 12.50 -0.56
C PRO A 288 14.47 12.69 -0.38
N ILE A 289 13.94 12.18 0.73
CA ILE A 289 12.52 12.30 1.08
C ILE A 289 12.15 13.76 1.41
N LYS A 290 10.88 14.11 1.18
CA LYS A 290 10.38 15.48 1.42
C LYS A 290 9.63 15.57 2.76
N GLY A 291 9.72 16.73 3.41
CA GLY A 291 9.02 16.96 4.68
C GLY A 291 8.23 18.26 4.74
N THR A 292 7.16 18.25 5.53
CA THR A 292 6.37 19.46 5.77
C THR A 292 6.74 20.03 7.14
N THR A 293 7.28 21.25 7.13
CA THR A 293 7.65 21.98 8.34
C THR A 293 6.40 22.51 9.04
N PRO A 294 6.54 22.98 10.29
CA PRO A 294 5.47 23.76 10.93
C PRO A 294 4.92 24.87 10.03
N GLU A 295 5.79 25.73 9.50
CA GLU A 295 5.42 26.86 8.62
C GLU A 295 4.80 26.39 7.28
N GLY A 296 4.80 25.07 7.05
CA GLY A 296 4.02 24.46 5.97
C GLY A 296 4.73 24.14 4.66
N GLU A 297 5.97 24.63 4.52
CA GLU A 297 6.74 24.43 3.29
C GLU A 297 7.19 22.99 3.12
N VAL A 298 7.39 22.58 1.87
CA VAL A 298 7.92 21.26 1.56
C VAL A 298 9.45 21.34 1.36
N VAL A 299 10.21 20.80 2.32
CA VAL A 299 11.67 20.85 2.31
C VAL A 299 12.24 19.45 2.10
N GLU A 300 13.42 19.36 1.49
CA GLU A 300 14.14 18.11 1.37
C GLU A 300 14.94 17.82 2.63
N ILE A 301 15.06 16.55 3.00
CA ILE A 301 15.84 16.20 4.16
C ILE A 301 16.97 15.21 3.85
N HIS A 302 18.20 15.69 3.98
CA HIS A 302 19.39 14.95 3.57
C HIS A 302 19.86 13.97 4.65
N PRO A 303 20.31 12.76 4.24
CA PRO A 303 20.89 11.79 5.18
C PRO A 303 22.20 12.29 5.79
N ASP A 304 22.06 13.11 6.83
CA ASP A 304 23.20 13.59 7.61
C ASP A 304 23.00 13.13 9.05
N PRO A 305 23.91 12.28 9.54
CA PRO A 305 23.82 11.69 10.87
C PRO A 305 24.03 12.68 12.02
N ASN A 306 24.67 13.81 11.73
CA ASN A 306 24.96 14.83 12.75
C ASN A 306 23.97 15.97 12.64
N GLY A 307 22.98 15.78 11.78
CA GLY A 307 21.89 16.71 11.65
C GLY A 307 20.86 16.34 12.71
N PRO A 308 19.74 17.09 12.74
CA PRO A 308 18.69 16.86 13.72
C PRO A 308 17.93 15.59 13.36
N LEU A 309 17.36 14.92 14.36
CA LEU A 309 16.67 13.63 14.15
C LEU A 309 15.35 13.74 13.39
N ALA A 310 15.19 12.90 12.36
CA ALA A 310 13.92 12.71 11.66
C ALA A 310 13.76 11.26 11.27
N ALA A 311 12.71 10.64 11.80
CA ALA A 311 12.47 9.20 11.58
C ALA A 311 11.00 8.92 11.27
N LEU A 312 10.77 7.77 10.64
CA LEU A 312 9.44 7.36 10.19
C LEU A 312 9.23 5.93 10.65
N ALA A 313 8.09 5.72 11.33
CA ALA A 313 7.64 4.40 11.75
C ALA A 313 6.81 3.78 10.64
N PHE A 314 7.14 2.54 10.28
CA PHE A 314 6.47 1.88 9.14
C PHE A 314 5.84 0.49 9.41
N LYS A 315 5.96 0.00 10.64
CA LYS A 315 5.28 -1.25 11.07
C LYS A 315 5.43 -1.46 12.58
N ILE A 316 4.36 -1.97 13.20
CA ILE A 316 4.34 -2.24 14.63
C ILE A 316 4.03 -3.69 14.85
N MET A 317 4.80 -4.30 15.75
CA MET A 317 4.67 -5.72 16.00
C MET A 317 4.57 -5.99 17.50
N ALA A 318 3.60 -6.81 17.86
CA ALA A 318 3.47 -7.27 19.24
C ALA A 318 4.32 -8.54 19.41
N ASP A 319 5.62 -8.37 19.54
CA ASP A 319 6.52 -9.51 19.79
C ASP A 319 6.50 -9.89 21.28
N PRO A 320 6.66 -11.18 21.58
CA PRO A 320 6.50 -11.70 22.94
C PRO A 320 7.55 -11.19 23.95
N TYR A 321 8.81 -11.15 23.54
CA TYR A 321 9.93 -10.96 24.48
C TYR A 321 10.03 -9.59 25.14
N VAL A 322 9.71 -8.54 24.40
CA VAL A 322 9.84 -7.18 24.94
C VAL A 322 8.58 -6.34 24.76
N GLY A 323 7.49 -6.94 24.29
CA GLY A 323 6.26 -6.21 24.03
C GLY A 323 6.28 -5.36 22.76
N ARG A 324 5.46 -4.31 22.73
CA ARG A 324 5.28 -3.48 21.55
C ARG A 324 6.60 -3.01 20.90
N LEU A 325 6.88 -3.52 19.70
CA LEU A 325 8.03 -3.08 18.90
C LEU A 325 7.60 -2.14 17.81
N THR A 326 8.39 -1.09 17.61
CA THR A 326 8.13 -0.13 16.57
C THR A 326 9.33 -0.03 15.62
N PHE A 327 9.14 -0.48 14.37
CA PHE A 327 10.19 -0.42 13.35
C PHE A 327 10.27 0.94 12.67
N ILE A 328 11.49 1.42 12.49
CA ILE A 328 11.70 2.78 12.01
C ILE A 328 12.79 2.90 10.95
N ARG A 329 12.65 3.89 10.09
CA ARG A 329 13.70 4.27 9.18
C ARG A 329 14.10 5.68 9.57
N VAL A 330 15.40 5.86 9.83
CA VAL A 330 15.99 7.15 10.20
C VAL A 330 16.42 7.86 8.91
N TYR A 331 15.90 9.07 8.70
CA TYR A 331 16.21 9.81 7.49
C TYR A 331 17.33 10.82 7.72
N SER A 332 17.32 11.47 8.87
CA SER A 332 18.43 12.35 9.30
C SER A 332 18.73 12.20 10.79
N GLY A 333 19.90 12.66 11.20
CA GLY A 333 20.29 12.62 12.61
C GLY A 333 20.56 11.23 13.15
N THR A 334 20.46 11.09 14.46
CA THR A 334 20.78 9.86 15.17
C THR A 334 19.77 9.65 16.28
N LEU A 335 19.21 8.44 16.35
CA LEU A 335 18.33 8.06 17.45
C LEU A 335 19.14 7.30 18.52
N THR A 336 19.17 7.85 19.73
CA THR A 336 19.94 7.34 20.86
C THR A 336 19.05 6.60 21.87
N SER A 337 19.49 5.40 22.27
CA SER A 337 18.85 4.62 23.34
C SER A 337 18.82 5.33 24.69
N GLY A 338 17.65 5.37 25.31
CA GLY A 338 17.50 5.93 26.64
C GLY A 338 17.25 7.42 26.65
N SER A 339 16.66 7.94 25.59
CA SER A 339 16.37 9.36 25.48
C SER A 339 14.91 9.60 25.17
N TYR A 340 14.48 10.86 25.26
CA TYR A 340 13.13 11.21 24.85
C TYR A 340 13.13 11.68 23.40
N VAL A 341 12.12 11.26 22.65
CA VAL A 341 11.87 11.84 21.33
C VAL A 341 10.48 12.48 21.32
N TYR A 342 10.13 13.09 20.19
CA TYR A 342 8.84 13.73 20.02
C TYR A 342 8.13 13.22 18.76
N ASN A 343 6.91 12.70 18.95
CA ASN A 343 6.08 12.23 17.86
C ASN A 343 5.34 13.43 17.25
N THR A 344 5.80 13.91 16.11
CA THR A 344 5.20 15.10 15.47
C THR A 344 3.83 14.84 14.83
N THR A 345 3.56 13.59 14.47
CA THR A 345 2.26 13.25 13.91
C THR A 345 1.16 13.28 14.98
N LYS A 346 1.54 13.07 16.24
CA LYS A 346 0.55 13.04 17.34
C LYS A 346 0.75 14.16 18.38
N GLY A 347 1.89 14.84 18.32
CA GLY A 347 2.25 15.88 19.29
C GLY A 347 2.44 15.33 20.69
N ARG A 348 3.37 14.40 20.84
CA ARG A 348 3.51 13.61 22.08
C ARG A 348 4.95 13.25 22.41
N LYS A 349 5.31 13.30 23.70
CA LYS A 349 6.61 12.79 24.18
C LYS A 349 6.65 11.27 24.10
N GLU A 350 7.81 10.74 23.71
CA GLU A 350 8.03 9.31 23.80
C GLU A 350 9.35 8.99 24.47
N ARG A 351 9.39 7.88 25.20
CA ARG A 351 10.60 7.42 25.86
C ARG A 351 11.16 6.19 25.16
N VAL A 352 12.29 6.34 24.45
CA VAL A 352 12.91 5.19 23.82
C VAL A 352 13.74 4.47 24.89
N ALA A 353 13.16 3.39 25.39
CA ALA A 353 13.76 2.64 26.48
C ALA A 353 14.93 1.81 25.97
N ARG A 354 14.79 1.20 24.79
CA ARG A 354 15.85 0.43 24.15
C ARG A 354 15.68 0.43 22.62
N LEU A 355 16.79 0.28 21.91
CA LEU A 355 16.76 0.10 20.45
C LEU A 355 17.29 -1.28 20.09
N LEU A 356 16.65 -1.91 19.10
CA LEU A 356 17.01 -3.26 18.67
C LEU A 356 17.18 -3.41 17.15
N ARG A 357 18.00 -4.37 16.75
CA ARG A 357 18.03 -4.86 15.38
C ARG A 357 17.60 -6.32 15.38
N MET A 358 16.91 -6.75 14.32
CA MET A 358 16.56 -8.13 14.15
C MET A 358 17.52 -8.78 13.14
N HIS A 359 18.25 -9.79 13.60
CA HIS A 359 19.03 -10.64 12.69
C HIS A 359 18.18 -11.86 12.36
N ALA A 360 18.74 -12.77 11.57
CA ALA A 360 18.05 -14.00 11.18
C ALA A 360 17.74 -14.95 12.35
N ASN A 361 18.58 -14.97 13.37
CA ASN A 361 18.42 -15.92 14.48
C ASN A 361 18.41 -15.32 15.87
N HIS A 362 18.68 -14.03 15.96
CA HIS A 362 18.78 -13.37 17.25
C HIS A 362 18.48 -11.88 17.12
N ARG A 363 18.26 -11.22 18.25
CA ARG A 363 18.00 -9.76 18.30
C ARG A 363 19.16 -9.10 19.04
N GLU A 364 19.58 -7.93 18.55
CA GLU A 364 20.75 -7.28 19.13
C GLU A 364 20.35 -5.94 19.71
N GLU A 365 20.78 -5.68 20.93
CA GLU A 365 20.55 -4.37 21.54
C GLU A 365 21.64 -3.39 21.12
N VAL A 366 21.22 -2.29 20.51
CA VAL A 366 22.16 -1.26 20.07
C VAL A 366 22.03 0.04 20.85
N GLU A 367 23.12 0.79 20.89
CA GLU A 367 23.19 2.06 21.61
C GLU A 367 22.60 3.21 20.80
N GLU A 368 22.59 3.07 19.46
CA GLU A 368 22.08 4.11 18.56
C GLU A 368 21.67 3.61 17.18
N LEU A 369 20.97 4.48 16.43
CA LEU A 369 20.50 4.18 15.07
C LEU A 369 20.62 5.49 14.25
N LYS A 370 21.45 5.47 13.20
CA LYS A 370 21.79 6.70 12.47
C LYS A 370 21.07 6.86 11.12
N ALA A 371 21.26 8.01 10.48
CA ALA A 371 20.62 8.32 9.18
C ALA A 371 20.89 7.27 8.09
N GLY A 372 19.82 6.83 7.41
CA GLY A 372 19.94 5.85 6.33
C GLY A 372 19.76 4.43 6.84
N ASP A 373 19.53 4.28 8.14
CA ASP A 373 19.47 2.96 8.78
C ASP A 373 18.06 2.63 9.27
N LEU A 374 17.82 1.36 9.59
CA LEU A 374 16.51 0.87 10.06
C LEU A 374 16.68 -0.06 11.25
N GLY A 375 15.67 -0.07 12.12
CA GLY A 375 15.69 -0.91 13.33
C GLY A 375 14.33 -0.90 14.02
N ALA A 376 14.32 -1.36 15.27
CA ALA A 376 13.11 -1.36 16.08
C ALA A 376 13.32 -0.64 17.44
N VAL A 377 12.28 0.04 17.92
CA VAL A 377 12.38 0.74 19.21
C VAL A 377 11.47 0.09 20.26
N VAL A 378 12.00 -0.01 21.48
CA VAL A 378 11.26 -0.53 22.64
C VAL A 378 10.87 0.63 23.53
N GLY A 379 9.61 0.64 23.96
CA GLY A 379 9.14 1.60 24.94
C GLY A 379 8.19 2.66 24.40
N LEU A 380 8.02 2.71 23.10
CA LEU A 380 7.06 3.65 22.52
C LEU A 380 5.64 3.29 22.91
N LYS A 381 4.80 4.31 23.09
CA LYS A 381 3.44 4.14 23.60
C LYS A 381 2.33 4.56 22.64
N GLU A 382 2.50 5.70 21.98
CA GLU A 382 1.43 6.32 21.19
C GLU A 382 1.79 6.42 19.70
N THR A 383 2.84 5.73 19.30
CA THR A 383 3.33 5.83 17.93
C THR A 383 2.74 4.74 17.04
N ILE A 384 1.95 5.15 16.06
CA ILE A 384 1.38 4.25 15.04
C ILE A 384 2.14 4.38 13.72
N THR A 385 1.91 3.42 12.81
CA THR A 385 2.65 3.36 11.55
C THR A 385 2.30 4.50 10.59
N GLY A 386 3.33 5.09 9.98
CA GLY A 386 3.20 6.37 9.28
C GLY A 386 3.62 7.60 10.09
N ASP A 387 3.81 7.42 11.40
CA ASP A 387 4.12 8.54 12.30
C ASP A 387 5.56 9.01 12.24
N THR A 388 5.76 10.32 12.37
CA THR A 388 7.10 10.91 12.36
C THR A 388 7.66 11.12 13.77
N LEU A 389 8.90 10.67 14.00
CA LEU A 389 9.59 10.95 15.26
C LEU A 389 10.75 11.94 15.09
N VAL A 390 10.85 12.91 16.00
CA VAL A 390 12.00 13.84 15.98
C VAL A 390 12.78 13.93 17.32
N GLY A 391 14.00 14.44 17.26
CA GLY A 391 14.82 14.70 18.45
C GLY A 391 14.13 15.68 19.38
N GLU A 392 14.44 15.63 20.66
CA GLU A 392 13.67 16.42 21.63
C GLU A 392 13.62 17.93 21.37
N ASP A 393 14.71 18.48 20.85
CA ASP A 393 14.72 19.88 20.45
C ASP A 393 14.85 20.07 18.93
N ALA A 394 14.53 19.03 18.18
CA ALA A 394 14.65 19.06 16.71
C ALA A 394 13.49 19.82 16.05
N PRO A 395 13.68 20.25 14.78
CA PRO A 395 12.58 20.87 14.02
C PRO A 395 11.42 19.89 13.86
N ARG A 396 10.21 20.40 14.10
CA ARG A 396 9.01 19.58 14.17
C ARG A 396 8.43 19.24 12.79
N VAL A 397 9.19 18.51 11.98
CA VAL A 397 8.77 18.16 10.59
C VAL A 397 7.88 16.92 10.48
N ILE A 398 7.12 16.82 9.39
CA ILE A 398 6.21 15.70 9.14
C ILE A 398 6.46 15.08 7.74
N LEU A 399 6.55 13.75 7.69
CA LEU A 399 7.07 13.03 6.53
C LEU A 399 5.98 12.38 5.67
N GLU A 400 4.84 12.08 6.29
CA GLU A 400 3.74 11.41 5.61
C GLU A 400 2.46 12.20 5.82
N SER A 401 1.77 12.50 4.72
CA SER A 401 0.57 13.32 4.77
C SER A 401 -0.51 12.69 5.64
N ILE A 402 -0.91 13.43 6.67
CA ILE A 402 -2.05 13.05 7.51
C ILE A 402 -3.34 13.36 6.78
N GLU A 403 -4.01 12.32 6.30
CA GLU A 403 -5.17 12.49 5.41
C GLU A 403 -6.46 11.82 5.89
N VAL A 404 -6.33 10.83 6.78
CA VAL A 404 -7.46 10.04 7.32
C VAL A 404 -8.63 9.76 6.33
N PRO A 405 -8.55 8.63 5.59
CA PRO A 405 -9.56 8.20 4.61
C PRO A 405 -10.97 7.95 5.17
N GLU A 406 -11.89 7.50 4.31
CA GLU A 406 -13.30 7.34 4.65
C GLU A 406 -13.77 5.87 4.77
N PRO A 407 -14.90 5.63 5.47
CA PRO A 407 -15.54 4.31 5.62
C PRO A 407 -16.65 4.00 4.57
N VAL A 408 -16.24 3.50 3.41
CA VAL A 408 -17.13 3.33 2.26
C VAL A 408 -17.71 1.92 2.07
N ILE A 409 -16.96 0.91 2.52
CA ILE A 409 -17.43 -0.48 2.50
C ILE A 409 -17.77 -0.97 3.92
N ASP A 410 -18.74 -1.87 4.00
CA ASP A 410 -19.12 -2.49 5.27
C ASP A 410 -19.07 -4.01 5.13
N VAL A 411 -18.65 -4.69 6.18
CA VAL A 411 -18.73 -6.16 6.26
C VAL A 411 -19.26 -6.65 7.62
N ALA A 412 -20.44 -7.28 7.61
CA ALA A 412 -21.03 -7.83 8.83
C ALA A 412 -20.27 -9.10 9.24
N ILE A 413 -19.28 -8.92 10.11
CA ILE A 413 -18.33 -9.98 10.48
C ILE A 413 -18.71 -10.78 11.74
N GLU A 414 -19.96 -10.67 12.17
CA GLU A 414 -20.46 -11.46 13.30
C GLU A 414 -21.03 -12.80 12.81
N PRO A 415 -20.43 -13.92 13.24
CA PRO A 415 -20.82 -15.24 12.73
C PRO A 415 -22.24 -15.63 13.15
N SER A 435 -7.09 0.83 14.01
CA SER A 435 -7.54 2.15 13.56
C SER A 435 -7.24 2.49 12.09
N PRO A 436 -6.14 1.96 11.52
CA PRO A 436 -5.91 2.18 10.08
C PRO A 436 -6.97 1.52 9.19
N THR A 437 -8.16 2.14 9.16
CA THR A 437 -9.34 1.68 8.40
C THR A 437 -9.79 0.22 8.62
N PHE A 438 -9.58 -0.30 9.82
CA PHE A 438 -10.38 -1.45 10.28
C PHE A 438 -11.30 -1.03 11.43
N SER A 439 -12.18 -0.09 11.11
CA SER A 439 -13.11 0.51 12.06
C SER A 439 -14.28 -0.44 12.39
N VAL A 440 -14.59 -0.58 13.68
CA VAL A 440 -15.67 -1.46 14.13
C VAL A 440 -16.80 -0.69 14.79
N SER A 441 -18.03 -0.90 14.31
CA SER A 441 -19.21 -0.17 14.78
C SER A 441 -20.44 -1.06 15.01
N THR A 442 -21.48 -0.49 15.62
CA THR A 442 -22.71 -1.20 15.95
C THR A 442 -23.93 -0.28 15.92
N HIS A 443 -24.90 -0.61 15.06
CA HIS A 443 -26.12 0.21 14.89
C HIS A 443 -27.34 -0.55 14.37
N PRO A 444 -27.58 -0.48 13.06
CA PRO A 444 -28.73 -1.11 12.41
C PRO A 444 -28.38 -2.49 11.86
N GLU A 445 -29.40 -3.35 11.79
CA GLU A 445 -29.28 -4.81 11.61
C GLU A 445 -29.04 -5.49 12.96
N THR A 446 -29.95 -5.21 13.90
CA THR A 446 -29.83 -5.60 15.32
C THR A 446 -29.08 -6.91 15.55
N GLY A 447 -28.10 -6.84 16.45
CA GLY A 447 -27.20 -7.97 16.80
C GLY A 447 -26.21 -8.36 15.69
N SER A 448 -25.77 -7.36 14.92
CA SER A 448 -24.75 -7.56 13.89
C SER A 448 -23.71 -6.44 13.93
N THR A 449 -22.46 -6.81 14.15
CA THR A 449 -21.35 -5.86 14.21
C THR A 449 -20.60 -5.80 12.88
N ILE A 450 -20.09 -4.61 12.54
CA ILE A 450 -19.56 -4.34 11.19
C ILE A 450 -18.10 -3.90 11.21
N ILE A 451 -17.39 -4.20 10.12
CA ILE A 451 -16.00 -3.76 9.93
C ILE A 451 -15.89 -2.89 8.67
N SER A 452 -16.05 -1.58 8.85
CA SER A 452 -16.04 -0.62 7.74
C SER A 452 -14.62 -0.23 7.34
N GLY A 453 -14.43 0.00 6.04
CA GLY A 453 -13.12 0.38 5.50
C GLY A 453 -13.25 1.02 4.13
N MET A 454 -12.27 0.75 3.26
CA MET A 454 -12.31 1.24 1.88
C MET A 454 -11.40 0.40 0.99
N GLY A 455 -11.79 0.24 -0.27
CA GLY A 455 -11.06 -0.62 -1.21
C GLY A 455 -11.41 -2.08 -0.94
N GLU A 456 -12.07 -2.72 -1.91
CA GLU A 456 -12.61 -4.08 -1.76
C GLU A 456 -11.63 -5.03 -1.07
N LEU A 457 -10.50 -5.30 -1.72
CA LEU A 457 -9.47 -6.16 -1.16
C LEU A 457 -8.63 -5.45 -0.08
N SER A 458 -8.61 -4.11 -0.15
CA SER A 458 -7.75 -3.28 0.72
C SER A 458 -8.26 -3.17 2.17
N LEU A 459 -9.58 -3.07 2.33
CA LEU A 459 -10.21 -3.11 3.65
C LEU A 459 -10.22 -4.55 4.16
N GLU A 460 -10.19 -5.50 3.22
CA GLU A 460 -10.15 -6.91 3.53
C GLU A 460 -8.73 -7.34 3.90
N ILE A 461 -8.36 -7.09 5.15
CA ILE A 461 -7.09 -7.57 5.71
C ILE A 461 -7.37 -8.38 6.97
N ILE A 462 -8.41 -7.98 7.70
CA ILE A 462 -8.91 -8.73 8.85
C ILE A 462 -9.75 -9.92 8.39
N VAL A 463 -10.30 -9.81 7.17
CA VAL A 463 -11.05 -10.90 6.54
C VAL A 463 -10.29 -11.46 5.33
N VAL A 476 -18.73 -13.38 9.00
CA VAL A 476 -18.70 -14.23 7.80
C VAL A 476 -19.61 -13.67 6.70
N GLY A 477 -19.61 -12.35 6.56
CA GLY A 477 -20.54 -11.65 5.65
C GLY A 477 -20.00 -11.32 4.27
N LYS A 478 -20.82 -10.62 3.48
CA LYS A 478 -20.47 -10.21 2.12
C LYS A 478 -20.36 -8.67 2.01
N PRO A 479 -19.51 -8.17 1.08
CA PRO A 479 -19.18 -6.73 1.01
C PRO A 479 -20.34 -5.87 0.52
N GLN A 480 -20.75 -4.91 1.35
CA GLN A 480 -21.87 -4.03 1.01
C GLN A 480 -21.45 -2.55 0.94
N VAL A 481 -22.03 -1.83 -0.02
CA VAL A 481 -21.77 -0.39 -0.22
C VAL A 481 -22.46 0.49 0.84
N ALA A 482 -21.77 1.54 1.31
CA ALA A 482 -22.34 2.41 2.35
C ALA A 482 -23.21 3.54 1.79
N TYR A 483 -24.44 3.17 1.42
CA TYR A 483 -25.44 4.12 0.92
C TYR A 483 -25.91 5.06 2.02
N ARG A 484 -26.32 6.26 1.61
CA ARG A 484 -26.95 7.22 2.50
C ARG A 484 -28.29 7.60 1.86
N GLU A 485 -29.09 8.37 2.60
CA GLU A 485 -30.43 8.72 2.14
C GLU A 485 -30.69 10.16 2.52
N THR A 486 -31.46 10.85 1.67
CA THR A 486 -31.85 12.24 1.93
C THR A 486 -33.13 12.62 1.18
N ILE A 487 -33.62 13.84 1.41
CA ILE A 487 -34.85 14.32 0.76
C ILE A 487 -34.54 15.37 -0.31
N THR A 488 -35.46 15.59 -1.24
CA THR A 488 -35.25 16.58 -2.32
C THR A 488 -36.18 17.81 -2.30
N LYS A 489 -37.10 17.87 -1.35
CA LYS A 489 -37.98 19.02 -1.21
C LYS A 489 -38.39 19.21 0.26
N PRO A 490 -38.54 20.47 0.72
CA PRO A 490 -38.87 20.65 2.13
C PRO A 490 -40.23 20.05 2.46
N VAL A 491 -40.41 19.53 3.67
CA VAL A 491 -41.72 19.02 4.11
C VAL A 491 -42.09 19.55 5.50
N ASP A 492 -43.32 19.27 5.92
CA ASP A 492 -43.85 19.73 7.19
C ASP A 492 -44.80 18.67 7.75
N VAL A 493 -44.42 18.01 8.84
CA VAL A 493 -45.12 16.81 9.32
C VAL A 493 -45.35 16.75 10.85
N GLU A 494 -46.08 15.73 11.31
CA GLU A 494 -46.27 15.54 12.75
C GLU A 494 -45.99 14.11 13.23
N GLY A 495 -45.48 14.02 14.46
CA GLY A 495 -45.35 12.74 15.19
C GLY A 495 -46.28 12.73 16.38
N LYS A 496 -46.97 11.60 16.59
CA LYS A 496 -48.01 11.52 17.61
C LYS A 496 -48.09 10.11 18.21
N PHE A 497 -47.74 9.98 19.49
CA PHE A 497 -47.88 8.73 20.24
C PHE A 497 -48.81 8.97 21.45
N ILE A 498 -50.04 8.50 21.33
CA ILE A 498 -51.06 8.74 22.35
C ILE A 498 -51.76 7.41 22.60
N ARG A 499 -51.35 6.76 23.69
CA ARG A 499 -51.57 5.33 23.92
C ARG A 499 -51.75 4.99 25.41
N GLN A 500 -52.44 3.89 25.69
CA GLN A 500 -52.50 3.34 27.04
C GLN A 500 -51.59 2.11 27.09
N THR A 501 -50.42 2.26 27.73
CA THR A 501 -49.36 1.24 27.69
C THR A 501 -48.47 1.21 28.94
N GLY A 502 -48.26 0.01 29.48
CA GLY A 502 -47.37 -0.21 30.63
C GLY A 502 -47.84 0.30 32.00
N GLY A 503 -49.12 0.09 32.30
CA GLY A 503 -49.70 0.50 33.58
C GLY A 503 -50.10 1.98 33.75
N ARG A 504 -49.91 2.78 32.70
CA ARG A 504 -50.13 4.23 32.77
C ARG A 504 -50.46 4.82 31.40
N GLY A 505 -50.95 6.07 31.41
CA GLY A 505 -51.22 6.82 30.19
C GLY A 505 -49.94 7.35 29.60
N GLN A 506 -49.89 7.36 28.27
CA GLN A 506 -48.74 7.87 27.53
C GLN A 506 -49.20 8.82 26.44
N TYR A 507 -48.53 9.97 26.35
CA TYR A 507 -48.92 11.01 25.40
C TYR A 507 -47.70 11.87 25.01
N GLY A 508 -47.33 11.81 23.72
CA GLY A 508 -46.37 12.74 23.13
C GLY A 508 -46.84 13.23 21.77
N HIS A 509 -46.55 14.48 21.44
CA HIS A 509 -47.00 15.09 20.18
C HIS A 509 -46.04 16.19 19.73
N VAL A 510 -45.33 15.91 18.63
CA VAL A 510 -44.41 16.87 18.02
C VAL A 510 -44.76 17.20 16.55
N LYS A 511 -44.54 18.44 16.16
CA LYS A 511 -44.60 18.83 14.76
C LYS A 511 -43.21 19.32 14.37
N ILE A 512 -42.70 18.91 13.21
CA ILE A 512 -41.38 19.29 12.74
C ILE A 512 -41.42 19.73 11.28
N LYS A 513 -40.53 20.66 10.91
CA LYS A 513 -40.26 20.99 9.50
C LYS A 513 -38.91 20.40 9.10
N VAL A 514 -38.83 19.84 7.89
CA VAL A 514 -37.57 19.26 7.41
C VAL A 514 -37.22 19.77 6.01
N GLU A 515 -36.01 20.32 5.85
CA GLU A 515 -35.53 20.80 4.55
C GLU A 515 -34.32 19.97 4.12
N PRO A 516 -34.09 19.81 2.78
CA PRO A 516 -32.76 19.29 2.42
C PRO A 516 -31.74 20.40 2.51
N LEU A 517 -30.51 20.02 2.82
CA LEU A 517 -29.41 20.95 2.99
C LEU A 517 -28.41 20.66 1.88
N PRO A 518 -27.65 21.69 1.43
CA PRO A 518 -26.57 21.45 0.44
C PRO A 518 -25.82 20.11 0.67
N ARG A 519 -25.47 19.43 -0.42
CA ARG A 519 -24.86 18.09 -0.32
C ARG A 519 -23.60 18.12 0.52
N GLY A 520 -23.53 17.25 1.51
CA GLY A 520 -22.40 17.25 2.44
C GLY A 520 -22.49 18.13 3.68
N SER A 521 -23.54 18.96 3.78
CA SER A 521 -23.67 19.93 4.89
C SER A 521 -23.92 19.32 6.26
N GLY A 522 -24.35 18.06 6.29
CA GLY A 522 -24.63 17.34 7.55
C GLY A 522 -26.04 17.41 8.14
N PHE A 523 -26.11 17.60 9.47
CA PHE A 523 -27.36 17.71 10.24
C PHE A 523 -27.42 19.00 11.07
N GLU A 524 -28.59 19.64 11.05
CA GLU A 524 -28.89 20.82 11.86
C GLU A 524 -30.23 20.58 12.55
N PHE A 525 -30.28 20.87 13.85
CA PHE A 525 -31.53 20.82 14.60
C PHE A 525 -31.74 22.12 15.33
N VAL A 526 -32.93 22.68 15.15
CA VAL A 526 -33.38 23.90 15.77
C VAL A 526 -34.67 23.66 16.62
N ASN A 527 -34.77 24.34 17.75
CA ASN A 527 -35.91 24.19 18.61
C ASN A 527 -36.67 25.49 18.66
N ALA A 528 -37.78 25.55 17.96
CA ALA A 528 -38.51 26.82 17.82
C ALA A 528 -39.84 26.81 18.60
N ILE A 529 -39.92 25.94 19.61
CA ILE A 529 -41.05 25.83 20.55
C ILE A 529 -41.16 27.06 21.43
N VAL A 530 -42.41 27.50 21.65
CA VAL A 530 -42.69 28.69 22.48
C VAL A 530 -43.65 28.39 23.64
N GLY A 531 -43.39 29.04 24.78
CA GLY A 531 -44.27 28.99 25.95
C GLY A 531 -44.65 27.60 26.44
N GLY A 532 -43.65 26.74 26.63
CA GLY A 532 -43.86 25.38 27.15
C GLY A 532 -44.89 24.51 26.43
N VAL A 533 -45.25 24.86 25.19
CA VAL A 533 -46.15 24.05 24.36
C VAL A 533 -45.83 22.53 24.48
N ILE A 534 -44.55 22.20 24.37
CA ILE A 534 -44.00 20.92 24.84
C ILE A 534 -43.20 21.29 26.11
N PRO A 535 -43.47 20.62 27.27
CA PRO A 535 -42.76 20.95 28.51
C PRO A 535 -41.27 20.72 28.35
N LYS A 536 -40.47 21.60 28.95
CA LYS A 536 -39.03 21.64 28.69
C LYS A 536 -38.35 20.33 29.07
N GLU A 537 -38.75 19.73 30.19
CA GLU A 537 -38.16 18.44 30.61
C GLU A 537 -38.22 17.29 29.56
N TYR A 538 -38.94 17.51 28.46
CA TYR A 538 -39.13 16.48 27.41
C TYR A 538 -38.41 16.69 26.07
N ILE A 539 -37.90 17.90 25.85
CA ILE A 539 -37.16 18.20 24.62
C ILE A 539 -35.97 17.23 24.38
N PRO A 540 -35.17 16.92 25.43
CA PRO A 540 -34.09 15.95 25.16
C PRO A 540 -34.66 14.63 24.65
N ALA A 541 -35.76 14.17 25.26
CA ALA A 541 -36.37 12.93 24.81
C ALA A 541 -36.69 13.01 23.32
N VAL A 542 -37.24 14.12 22.84
CA VAL A 542 -37.64 14.15 21.44
C VAL A 542 -36.49 14.24 20.47
N GLN A 543 -35.45 15.00 20.84
CA GLN A 543 -34.22 14.99 20.07
C GLN A 543 -33.69 13.58 19.96
N LYS A 544 -33.70 12.84 21.09
CA LYS A 544 -33.13 11.50 21.11
C LYS A 544 -33.84 10.59 20.09
N GLY A 545 -35.16 10.77 20.01
CA GLY A 545 -35.97 10.00 19.08
C GLY A 545 -35.72 10.33 17.62
N ILE A 546 -35.62 11.62 17.32
CA ILE A 546 -35.26 12.06 15.97
C ILE A 546 -33.93 11.41 15.51
N GLU A 547 -32.92 11.47 16.37
CA GLU A 547 -31.60 10.93 16.13
C GLU A 547 -31.69 9.41 15.83
N GLU A 548 -32.42 8.67 16.68
CA GLU A 548 -32.58 7.23 16.53
C GLU A 548 -33.15 6.82 15.18
N ALA A 549 -34.19 7.53 14.72
CA ALA A 549 -34.83 7.20 13.45
C ALA A 549 -33.98 7.54 12.22
N MET A 550 -33.11 8.54 12.36
CA MET A 550 -32.22 8.94 11.27
C MET A 550 -31.11 7.94 11.00
N GLN A 551 -31.04 6.89 11.81
CA GLN A 551 -30.10 5.80 11.60
C GLN A 551 -30.57 4.84 10.49
N SER A 552 -31.87 4.71 10.32
CA SER A 552 -32.43 3.83 9.29
C SER A 552 -33.58 4.52 8.55
N GLY A 553 -33.43 4.68 7.23
CA GLY A 553 -34.41 5.44 6.45
C GLY A 553 -35.44 4.57 5.75
N PRO A 554 -36.08 5.12 4.70
CA PRO A 554 -37.25 4.50 4.08
C PRO A 554 -37.01 3.71 2.79
N LEU A 555 -36.02 4.10 1.99
CA LEU A 555 -35.78 3.44 0.70
C LEU A 555 -35.06 2.10 0.84
N ILE A 556 -33.97 2.07 1.61
CA ILE A 556 -33.11 0.87 1.73
C ILE A 556 -32.53 0.62 3.12
N GLY A 557 -32.87 1.46 4.10
CA GLY A 557 -32.49 1.23 5.49
C GLY A 557 -31.19 1.88 6.00
N PHE A 558 -30.69 2.90 5.28
CA PHE A 558 -29.38 3.51 5.59
C PHE A 558 -29.49 4.90 6.23
N PRO A 559 -28.43 5.36 6.94
CA PRO A 559 -28.58 6.63 7.66
C PRO A 559 -29.05 7.77 6.75
N VAL A 560 -29.90 8.67 7.28
CA VAL A 560 -30.30 9.93 6.61
C VAL A 560 -29.26 11.02 6.90
N VAL A 561 -28.83 11.78 5.89
CA VAL A 561 -27.70 12.71 6.10
C VAL A 561 -27.87 14.23 6.03
N ASP A 562 -28.34 14.75 4.90
CA ASP A 562 -28.20 16.21 4.67
C ASP A 562 -29.55 16.91 4.82
N ILE A 563 -30.01 17.04 6.07
CA ILE A 563 -31.33 17.61 6.40
C ILE A 563 -31.23 18.58 7.57
N LYS A 564 -32.14 19.55 7.60
CA LYS A 564 -32.30 20.47 8.71
C LYS A 564 -33.66 20.22 9.32
N VAL A 565 -33.68 19.84 10.60
CA VAL A 565 -34.93 19.58 11.33
C VAL A 565 -35.25 20.73 12.28
N THR A 566 -36.50 21.19 12.23
CA THR A 566 -36.95 22.27 13.10
C THR A 566 -38.16 21.85 13.88
N LEU A 567 -38.05 21.80 15.21
CA LEU A 567 -39.18 21.44 16.09
C LEU A 567 -39.91 22.70 16.39
N TYR A 568 -41.19 22.79 16.03
CA TYR A 568 -41.87 24.09 16.08
C TYR A 568 -43.21 24.12 16.82
N ASP A 569 -43.77 22.94 17.04
CA ASP A 569 -45.06 22.82 17.70
C ASP A 569 -45.23 21.42 18.27
N GLY A 570 -46.34 21.21 18.97
CA GLY A 570 -46.66 19.94 19.61
C GLY A 570 -47.75 20.14 20.65
N SER A 571 -47.87 19.18 21.59
CA SER A 571 -48.77 19.28 22.72
C SER A 571 -48.44 18.21 23.76
N TYR A 572 -49.04 18.30 24.94
CA TYR A 572 -48.77 17.38 26.04
C TYR A 572 -49.99 17.19 26.92
N HIS A 573 -49.85 16.25 27.86
CA HIS A 573 -50.86 15.98 28.85
C HIS A 573 -50.21 16.15 30.23
N GLU A 574 -50.97 16.72 31.16
CA GLU A 574 -50.45 17.13 32.47
C GLU A 574 -50.01 15.96 33.36
N VAL A 575 -50.68 14.82 33.24
CA VAL A 575 -50.26 13.61 33.94
C VAL A 575 -49.71 12.49 33.01
N ASP A 576 -50.28 12.35 31.81
CA ASP A 576 -49.90 11.27 30.91
C ASP A 576 -48.60 11.41 30.11
N SER A 577 -48.06 12.62 30.02
CA SER A 577 -46.81 12.80 29.28
C SER A 577 -45.62 12.21 30.01
N SER A 578 -44.58 11.89 29.23
CA SER A 578 -43.38 11.21 29.72
C SER A 578 -42.29 11.27 28.69
N GLU A 579 -41.07 10.93 29.10
CA GLU A 579 -39.95 10.95 28.16
C GLU A 579 -40.09 9.90 27.05
N MET A 580 -40.62 8.73 27.41
CA MET A 580 -40.80 7.61 26.48
C MET A 580 -41.74 7.99 25.30
N ALA A 581 -42.86 8.63 25.63
CA ALA A 581 -43.85 9.06 24.65
C ALA A 581 -43.29 10.09 23.66
N PHE A 582 -42.56 11.09 24.16
CA PHE A 582 -41.99 12.10 23.25
C PHE A 582 -40.82 11.55 22.42
N LYS A 583 -40.12 10.54 22.95
CA LYS A 583 -39.08 9.91 22.18
C LYS A 583 -39.68 9.29 20.92
N ILE A 584 -40.78 8.56 21.09
CA ILE A 584 -41.42 7.87 19.98
C ILE A 584 -42.13 8.84 19.01
N ALA A 585 -42.81 9.84 19.57
CA ALA A 585 -43.37 10.94 18.77
C ALA A 585 -42.36 11.51 17.78
N GLY A 586 -41.17 11.86 18.25
CA GLY A 586 -40.16 12.47 17.38
C GLY A 586 -39.66 11.50 16.33
N SER A 587 -39.36 10.27 16.75
CA SER A 587 -38.97 9.20 15.84
C SER A 587 -39.99 8.96 14.73
N MET A 588 -41.29 8.91 15.08
CA MET A 588 -42.39 8.80 14.10
C MET A 588 -42.35 9.95 13.09
N ALA A 589 -42.17 11.17 13.59
CA ALA A 589 -42.17 12.38 12.76
C ALA A 589 -41.13 12.31 11.64
N ILE A 590 -39.87 12.12 12.00
CA ILE A 590 -38.78 12.09 11.04
C ILE A 590 -38.93 10.96 10.00
N LYS A 591 -39.58 9.85 10.37
CA LYS A 591 -39.72 8.72 9.46
C LYS A 591 -40.63 9.17 8.33
N GLU A 592 -41.74 9.80 8.72
CA GLU A 592 -42.76 10.33 7.84
C GLU A 592 -42.20 11.42 6.93
N ALA A 593 -41.40 12.31 7.49
CA ALA A 593 -40.77 13.37 6.73
C ALA A 593 -39.89 12.82 5.60
N VAL A 594 -39.17 11.74 5.87
CA VAL A 594 -38.25 11.23 4.86
C VAL A 594 -39.00 10.52 3.75
N GLN A 595 -40.20 10.01 4.06
CA GLN A 595 -40.98 9.31 3.04
C GLN A 595 -41.63 10.30 2.08
N LYS A 596 -42.07 11.43 2.63
CA LYS A 596 -42.80 12.45 1.88
C LYS A 596 -41.89 13.41 1.11
N GLY A 597 -40.62 13.50 1.52
CA GLY A 597 -39.71 14.51 0.95
C GLY A 597 -39.10 14.21 -0.41
N ASP A 598 -39.83 13.43 -1.24
CA ASP A 598 -39.35 12.96 -2.56
C ASP A 598 -37.92 12.44 -2.44
N PRO A 599 -37.74 11.36 -1.65
CA PRO A 599 -36.41 10.99 -1.17
C PRO A 599 -35.58 10.35 -2.25
N VAL A 600 -34.27 10.45 -2.13
CA VAL A 600 -33.37 9.88 -3.13
C VAL A 600 -32.25 9.10 -2.41
N ILE A 601 -31.58 8.23 -3.16
CA ILE A 601 -30.47 7.45 -2.62
C ILE A 601 -29.15 8.07 -3.05
N LEU A 602 -28.22 8.21 -2.11
CA LEU A 602 -26.88 8.68 -2.42
C LEU A 602 -25.85 7.54 -2.37
N GLU A 603 -25.19 7.29 -3.49
CA GLU A 603 -24.11 6.32 -3.53
C GLU A 603 -22.73 7.02 -3.55
N PRO A 604 -21.69 6.36 -3.02
CA PRO A 604 -20.34 6.91 -3.15
C PRO A 604 -19.76 6.70 -4.56
N ILE A 605 -19.25 7.77 -5.17
CA ILE A 605 -18.56 7.67 -6.45
C ILE A 605 -17.05 7.59 -6.23
N MET A 606 -16.42 6.56 -6.78
CA MET A 606 -14.99 6.35 -6.64
C MET A 606 -14.18 7.04 -7.73
N ARG A 607 -12.97 7.45 -7.36
CA ARG A 607 -11.94 7.88 -8.29
C ARG A 607 -11.10 6.63 -8.63
N VAL A 608 -11.02 6.29 -9.92
CA VAL A 608 -10.35 5.04 -10.34
C VAL A 608 -9.19 5.27 -11.31
N GLU A 609 -8.07 4.60 -11.05
CA GLU A 609 -6.93 4.57 -11.98
C GLU A 609 -6.63 3.16 -12.49
N VAL A 610 -6.78 2.97 -13.80
CA VAL A 610 -6.54 1.67 -14.43
C VAL A 610 -5.32 1.76 -15.35
N THR A 611 -4.33 0.92 -15.09
CA THR A 611 -3.13 0.88 -15.93
C THR A 611 -3.22 -0.33 -16.85
N THR A 612 -3.19 -0.08 -18.16
CA THR A 612 -3.40 -1.11 -19.17
C THR A 612 -2.50 -0.90 -20.40
N PRO A 613 -1.95 -2.00 -20.95
CA PRO A 613 -1.32 -2.01 -22.27
C PRO A 613 -2.26 -1.47 -23.36
N GLU A 614 -1.69 -0.79 -24.34
CA GLU A 614 -2.45 -0.01 -25.33
C GLU A 614 -3.38 -0.84 -26.21
N GLU A 615 -3.03 -2.10 -26.45
CA GLU A 615 -3.85 -2.98 -27.29
C GLU A 615 -5.24 -3.25 -26.71
N TYR A 616 -5.32 -3.31 -25.38
CA TYR A 616 -6.61 -3.52 -24.69
C TYR A 616 -7.29 -2.21 -24.35
N MET A 617 -6.64 -1.10 -24.68
CA MET A 617 -7.07 0.26 -24.34
C MET A 617 -8.49 0.65 -24.82
N GLY A 618 -8.93 0.06 -25.93
CA GLY A 618 -10.29 0.29 -26.45
C GLY A 618 -11.34 -0.55 -25.74
N ASP A 619 -10.94 -1.75 -25.30
CA ASP A 619 -11.83 -2.71 -24.64
C ASP A 619 -12.10 -2.32 -23.18
N VAL A 620 -11.10 -1.79 -22.51
CA VAL A 620 -11.26 -1.30 -21.14
C VAL A 620 -12.16 -0.05 -21.08
N ILE A 621 -11.93 0.91 -21.98
CA ILE A 621 -12.79 2.11 -22.05
C ILE A 621 -14.24 1.73 -22.33
N GLY A 622 -14.45 0.80 -23.27
CA GLY A 622 -15.77 0.24 -23.52
C GLY A 622 -16.42 -0.27 -22.24
N ASP A 623 -15.66 -1.05 -21.47
CA ASP A 623 -16.13 -1.65 -20.21
C ASP A 623 -16.42 -0.61 -19.11
N LEU A 624 -15.53 0.37 -18.96
CA LEU A 624 -15.70 1.42 -17.97
C LEU A 624 -16.96 2.23 -18.20
N ASN A 625 -17.26 2.54 -19.47
CA ASN A 625 -18.51 3.22 -19.84
C ASN A 625 -19.79 2.39 -19.63
N ALA A 626 -19.67 1.07 -19.73
CA ALA A 626 -20.76 0.14 -19.41
C ALA A 626 -21.01 0.04 -17.90
N ARG A 627 -20.10 0.60 -17.11
CA ARG A 627 -20.21 0.58 -15.65
C ARG A 627 -20.70 1.94 -15.12
N ARG A 628 -21.40 2.68 -15.97
CA ARG A 628 -21.89 4.03 -15.68
C ARG A 628 -20.75 5.00 -15.33
N GLY A 629 -19.61 4.79 -15.98
CA GLY A 629 -18.44 5.60 -15.69
C GLY A 629 -18.34 6.84 -16.54
N GLN A 630 -17.54 7.81 -16.09
CA GLN A 630 -17.12 8.93 -16.92
C GLN A 630 -15.59 8.91 -17.06
N ILE A 631 -15.09 8.80 -18.31
CA ILE A 631 -13.64 8.80 -18.56
C ILE A 631 -13.05 10.22 -18.44
N LEU A 632 -12.24 10.43 -17.40
CA LEU A 632 -11.70 11.75 -17.07
C LEU A 632 -10.45 12.16 -17.88
N GLY A 633 -9.49 11.25 -18.00
CA GLY A 633 -8.26 11.50 -18.76
C GLY A 633 -7.47 10.23 -19.09
N MET A 634 -6.31 10.40 -19.72
CA MET A 634 -5.42 9.28 -20.06
C MET A 634 -3.97 9.72 -20.29
N GLU A 635 -3.12 9.50 -19.29
CA GLU A 635 -1.67 9.83 -19.39
C GLU A 635 -0.77 8.58 -19.27
N PRO A 636 0.25 8.47 -20.15
CA PRO A 636 1.09 7.27 -20.23
C PRO A 636 2.05 7.08 -19.05
N ARG A 637 2.40 5.82 -18.77
CA ARG A 637 3.41 5.45 -17.77
C ARG A 637 4.24 4.26 -18.26
N GLY A 638 5.38 4.56 -18.87
CA GLY A 638 6.15 3.55 -19.60
C GLY A 638 5.37 3.17 -20.84
N ASN A 639 5.48 1.92 -21.28
CA ASN A 639 4.67 1.48 -22.43
C ASN A 639 3.26 1.06 -22.03
N ALA A 640 2.80 1.58 -20.90
CA ALA A 640 1.45 1.37 -20.43
C ALA A 640 0.65 2.68 -20.49
N GLN A 641 -0.66 2.59 -20.39
CA GLN A 641 -1.52 3.78 -20.27
C GLN A 641 -2.36 3.73 -19.00
N VAL A 642 -2.46 4.87 -18.31
CA VAL A 642 -3.26 5.03 -17.11
C VAL A 642 -4.54 5.80 -17.45
N ILE A 643 -5.68 5.12 -17.35
CA ILE A 643 -7.01 5.73 -17.54
C ILE A 643 -7.64 6.08 -16.18
N ARG A 644 -7.78 7.39 -15.92
CA ARG A 644 -8.51 7.87 -14.74
C ARG A 644 -9.99 7.98 -15.05
N ALA A 645 -10.83 7.62 -14.08
CA ALA A 645 -12.27 7.69 -14.25
C ALA A 645 -13.01 7.84 -12.93
N PHE A 646 -14.19 8.44 -12.99
CA PHE A 646 -15.18 8.28 -11.93
C PHE A 646 -16.00 7.07 -12.26
N VAL A 647 -16.35 6.29 -11.25
CA VAL A 647 -17.24 5.15 -11.39
C VAL A 647 -17.86 4.85 -10.02
N PRO A 648 -19.17 4.52 -9.99
CA PRO A 648 -19.82 4.06 -8.76
C PRO A 648 -19.18 2.82 -8.12
N LEU A 649 -19.09 2.87 -6.79
CA LEU A 649 -18.60 1.77 -5.99
C LEU A 649 -19.47 0.50 -6.16
N ALA A 650 -20.74 0.72 -6.47
CA ALA A 650 -21.68 -0.37 -6.74
C ALA A 650 -21.30 -1.16 -7.98
N GLU A 651 -20.54 -0.54 -8.87
CA GLU A 651 -20.14 -1.17 -10.13
C GLU A 651 -18.70 -1.71 -10.16
N MET A 652 -17.99 -1.61 -9.04
CA MET A 652 -16.58 -2.00 -8.95
C MET A 652 -16.37 -3.36 -8.31
N PHE A 653 -17.46 -3.99 -7.88
CA PHE A 653 -17.41 -5.32 -7.29
C PHE A 653 -16.87 -6.36 -8.28
N GLY A 654 -15.80 -7.04 -7.89
CA GLY A 654 -15.16 -8.04 -8.73
C GLY A 654 -14.53 -7.49 -10.00
N TYR A 655 -14.14 -6.21 -9.96
CA TYR A 655 -13.55 -5.54 -11.13
C TYR A 655 -12.18 -6.07 -11.51
N ALA A 656 -11.41 -6.49 -10.49
CA ALA A 656 -10.06 -7.03 -10.70
C ALA A 656 -10.05 -8.18 -11.71
N THR A 657 -11.13 -8.97 -11.71
CA THR A 657 -11.28 -10.16 -12.57
C THR A 657 -11.71 -9.82 -14.00
N ASP A 658 -12.57 -8.83 -14.15
CA ASP A 658 -13.07 -8.43 -15.47
C ASP A 658 -11.96 -7.73 -16.25
N LEU A 659 -11.21 -6.89 -15.55
CA LEU A 659 -10.06 -6.17 -16.08
C LEU A 659 -9.01 -7.15 -16.61
N ARG A 660 -8.71 -8.17 -15.81
CA ARG A 660 -7.75 -9.23 -16.20
C ARG A 660 -8.22 -10.15 -17.33
N SER A 661 -9.53 -10.27 -17.52
CA SER A 661 -10.09 -11.05 -18.62
C SER A 661 -10.18 -10.24 -19.93
N LYS A 662 -10.11 -8.92 -19.80
CA LYS A 662 -10.18 -8.01 -20.95
C LYS A 662 -8.82 -7.42 -21.30
N THR A 663 -7.77 -7.99 -20.71
CA THR A 663 -6.45 -7.36 -20.69
C THR A 663 -5.35 -8.42 -20.70
N GLN A 664 -5.76 -9.69 -20.78
CA GLN A 664 -4.89 -10.87 -20.66
C GLN A 664 -4.10 -10.91 -19.35
N GLY A 665 -4.67 -10.32 -18.30
CA GLY A 665 -4.11 -10.38 -16.94
C GLY A 665 -3.08 -9.33 -16.57
N ARG A 666 -2.77 -8.43 -17.51
CA ARG A 666 -1.66 -7.47 -17.37
C ARG A 666 -2.04 -6.09 -16.82
N GLY A 667 -3.34 -5.80 -16.73
CA GLY A 667 -3.83 -4.53 -16.22
C GLY A 667 -4.19 -4.58 -14.76
N SER A 668 -4.08 -3.45 -14.06
CA SER A 668 -4.45 -3.37 -12.64
C SER A 668 -5.06 -2.00 -12.31
N PHE A 669 -5.63 -1.87 -11.11
CA PHE A 669 -6.30 -0.62 -10.74
C PHE A 669 -6.12 -0.19 -9.27
N VAL A 670 -6.18 1.11 -9.03
CA VAL A 670 -6.37 1.66 -7.67
C VAL A 670 -7.63 2.54 -7.58
N MET A 671 -8.17 2.66 -6.37
CA MET A 671 -9.50 3.22 -6.15
C MET A 671 -9.54 4.09 -4.88
N PHE A 672 -10.31 5.18 -4.93
CA PHE A 672 -10.41 6.13 -3.80
C PHE A 672 -11.80 6.74 -3.72
N PHE A 673 -12.38 6.78 -2.53
CA PHE A 673 -13.64 7.48 -2.36
C PHE A 673 -13.47 8.95 -2.70
N ASP A 674 -14.37 9.46 -3.53
CA ASP A 674 -14.34 10.85 -3.95
C ASP A 674 -15.53 11.65 -3.40
N HIS A 675 -16.75 11.26 -3.80
CA HIS A 675 -17.96 12.00 -3.39
C HIS A 675 -19.23 11.15 -3.39
N TYR A 676 -20.22 11.60 -2.60
CA TYR A 676 -21.57 11.06 -2.68
C TYR A 676 -22.37 11.73 -3.79
N GLN A 677 -23.12 10.91 -4.51
CA GLN A 677 -23.97 11.40 -5.58
C GLN A 677 -25.24 10.57 -5.64
N GLU A 678 -26.28 11.16 -6.21
CA GLU A 678 -27.55 10.49 -6.39
C GLU A 678 -27.43 9.40 -7.49
N VAL A 679 -28.21 8.34 -7.28
CA VAL A 679 -28.39 7.33 -8.28
C VAL A 679 -29.39 7.86 -9.32
N PRO A 680 -29.24 7.47 -10.60
CA PRO A 680 -30.31 7.87 -11.51
C PRO A 680 -31.57 7.06 -11.23
N LYS A 681 -32.71 7.57 -11.67
CA LYS A 681 -34.01 6.94 -11.43
C LYS A 681 -33.91 5.42 -11.61
N GLN A 682 -33.38 4.99 -12.75
CA GLN A 682 -33.21 3.57 -13.09
C GLN A 682 -32.59 2.73 -11.95
N VAL A 683 -31.43 3.18 -11.46
CA VAL A 683 -30.66 2.50 -10.41
C VAL A 683 -31.42 2.42 -9.06
N GLN A 684 -32.15 3.48 -8.70
CA GLN A 684 -32.95 3.55 -7.47
C GLN A 684 -34.11 2.57 -7.49
N GLU A 685 -34.88 2.62 -8.58
CA GLU A 685 -36.00 1.70 -8.78
C GLU A 685 -35.48 0.27 -8.65
N LYS A 686 -34.37 -0.01 -9.33
CA LYS A 686 -33.75 -1.32 -9.31
C LYS A 686 -33.13 -1.72 -7.96
N LEU A 687 -32.59 -0.74 -7.22
CA LEU A 687 -32.03 -0.99 -5.87
C LEU A 687 -33.07 -1.46 -4.85
N ILE A 688 -34.00 -2.31 -5.31
CA ILE A 688 -35.07 -2.87 -4.46
C ILE A 688 -35.39 -4.34 -4.82
#